data_1NME
#
_entry.id   1NME
#
_cell.length_a   69.488
_cell.length_b   83.598
_cell.length_c   95.600
_cell.angle_alpha   90.00
_cell.angle_beta   90.00
_cell.angle_gamma   90.00
#
_symmetry.space_group_name_H-M   'I 2 2 2'
#
loop_
_entity.id
_entity.type
_entity.pdbx_description
1 polymer Caspase-3
2 polymer Caspase-3
3 non-polymer '3-(2-MERCAPTO-ACETYLAMINO)-4-OXO-PENTANOIC ACID'
4 non-polymer '2-HYDROXY-5-(2-MERCAPTO-ETHYLSULFAMOYL)-BENZOIC ACID'
5 water water
#
loop_
_entity_poly.entity_id
_entity_poly.type
_entity_poly.pdbx_seq_one_letter_code
_entity_poly.pdbx_strand_id
1 'polypeptide(L)'
;SGISLDNSYKMDYPEMGLCIIINNKNFHKSTGMTSRSGTDVDAANLRETFRNLKYEVRNKNDLTREEIVELMRDVSKEDH
SKRSSFVCVLLSHGEEGIIFGTNGPVDLKKITNFFRGDRCRSLTGKPKLFIIQACRGTELDCGIET
;
A
2 'polypeptide(L)'
;KIPVDADFLYAYSTAPGYYSWRNSKDGSWFIQSLCAMLKQYADKLEFMHILTRVNRKVATEFESFSFDATFHAKKQIPCI
VSMLTKELYFYH
;
B
#
loop_
_chem_comp.id
_chem_comp.type
_chem_comp.name
_chem_comp.formula
158 non-polymer '3-(2-MERCAPTO-ACETYLAMINO)-4-OXO-PENTANOIC ACID' 'C7 H11 N O4 S'
159 non-polymer '2-HYDROXY-5-(2-MERCAPTO-ETHYLSULFAMOYL)-BENZOIC ACID' 'C9 H11 N O5 S2'
#
# COMPACT_ATOMS: atom_id res chain seq x y z
N SER A 1 22.75 9.26 -29.84
CA SER A 1 22.65 9.59 -28.40
C SER A 1 23.90 9.14 -27.63
N GLY A 2 24.12 9.72 -26.45
CA GLY A 2 25.14 9.23 -25.55
C GLY A 2 24.73 7.90 -24.95
N ILE A 3 25.61 7.36 -24.09
CA ILE A 3 25.35 6.09 -23.42
C ILE A 3 24.00 6.15 -22.69
N SER A 4 23.16 5.15 -22.95
CA SER A 4 21.84 5.08 -22.32
C SER A 4 21.77 3.85 -21.41
N LEU A 5 21.55 4.10 -20.13
CA LEU A 5 21.41 3.02 -19.16
C LEU A 5 19.93 2.93 -18.82
N ASP A 6 19.47 1.73 -18.52
CA ASP A 6 18.06 1.56 -18.22
C ASP A 6 17.91 1.05 -16.80
N ASN A 7 18.46 1.82 -15.86
CA ASN A 7 18.46 1.41 -14.46
C ASN A 7 17.26 1.93 -13.68
N SER A 8 16.56 2.92 -14.22
CA SER A 8 15.36 3.43 -13.55
C SER A 8 14.15 3.45 -14.46
N TYR A 9 12.98 3.22 -13.87
CA TYR A 9 11.75 3.28 -14.63
C TYR A 9 11.53 4.66 -15.25
N LYS A 10 11.01 4.66 -16.47
CA LYS A 10 10.61 5.89 -17.16
C LYS A 10 9.39 6.48 -16.44
N MET A 11 9.60 7.62 -15.78
CA MET A 11 8.55 8.22 -14.95
C MET A 11 8.16 9.61 -15.49
N ASP A 12 8.46 9.84 -16.76
CA ASP A 12 8.13 11.11 -17.39
C ASP A 12 7.08 10.97 -18.48
N TYR A 13 6.24 9.94 -18.37
CA TYR A 13 5.04 9.87 -19.21
C TYR A 13 4.19 11.10 -18.86
N PRO A 14 3.23 11.44 -19.73
CA PRO A 14 2.36 12.61 -19.50
C PRO A 14 1.67 12.59 -18.14
N GLU A 15 1.33 11.39 -17.65
CA GLU A 15 0.69 11.20 -16.35
C GLU A 15 1.53 10.27 -15.45
N MET A 16 1.60 10.60 -14.16
CA MET A 16 2.22 9.68 -13.19
C MET A 16 1.42 8.37 -13.08
N GLY A 17 0.09 8.50 -13.07
CA GLY A 17 -0.80 7.36 -13.07
C GLY A 17 -1.87 7.46 -11.99
N LEU A 18 -2.68 6.42 -11.86
CA LEU A 18 -3.75 6.39 -10.86
C LEU A 18 -3.22 5.99 -9.51
N CYS A 19 -3.86 6.53 -8.46
CA CYS A 19 -3.65 6.09 -7.09
C CYS A 19 -5.04 5.77 -6.56
N ILE A 20 -5.39 4.48 -6.56
CA ILE A 20 -6.69 4.05 -6.07
C ILE A 20 -6.60 3.77 -4.56
N ILE A 21 -7.38 4.48 -3.74
CA ILE A 21 -7.37 4.25 -2.30
C ILE A 21 -8.70 3.63 -1.87
N ILE A 22 -8.64 2.39 -1.38
CA ILE A 22 -9.85 1.74 -0.88
C ILE A 22 -9.81 1.87 0.63
N ASN A 23 -10.77 2.63 1.16
CA ASN A 23 -10.82 2.99 2.57
C ASN A 23 -12.03 2.33 3.22
N ASN A 24 -11.80 1.17 3.82
CA ASN A 24 -12.87 0.44 4.48
C ASN A 24 -12.90 0.69 5.96
N LYS A 25 -13.91 1.46 6.38
CA LYS A 25 -14.05 1.89 7.77
C LYS A 25 -15.18 1.13 8.48
N ASN A 26 -16.35 1.07 7.83
CA ASN A 26 -17.56 0.46 8.39
C ASN A 26 -17.86 -0.88 7.74
N PHE A 27 -18.07 -1.89 8.57
CA PHE A 27 -18.24 -3.28 8.12
C PHE A 27 -19.61 -3.86 8.50
N HIS A 28 -20.07 -4.83 7.73
CA HIS A 28 -21.39 -5.43 7.97
C HIS A 28 -21.37 -6.20 9.29
N LYS A 29 -22.56 -6.36 9.89
CA LYS A 29 -22.65 -6.91 11.25
C LYS A 29 -22.22 -8.37 11.39
N SER A 30 -22.61 -9.20 10.41
CA SER A 30 -22.36 -10.65 10.50
C SER A 30 -20.90 -11.06 10.28
N THR A 31 -20.10 -10.10 9.80
CA THR A 31 -18.66 -10.27 9.64
C THR A 31 -17.97 -10.22 10.99
N GLY A 32 -18.65 -9.56 11.93
CA GLY A 32 -18.15 -9.35 13.27
C GLY A 32 -16.94 -8.43 13.33
N MET A 33 -16.84 -7.54 12.35
CA MET A 33 -15.67 -6.68 12.22
C MET A 33 -15.95 -5.28 12.74
N THR A 34 -15.01 -4.78 13.53
CA THR A 34 -15.13 -3.48 14.20
C THR A 34 -14.86 -2.36 13.22
N SER A 35 -15.45 -1.20 13.50
CA SER A 35 -15.18 0.00 12.73
C SER A 35 -13.71 0.41 12.89
N ARG A 36 -13.10 0.86 11.81
CA ARG A 36 -11.66 1.14 11.82
C ARG A 36 -11.41 2.63 12.09
N SER A 37 -11.66 3.06 13.33
CA SER A 37 -11.41 4.45 13.73
C SER A 37 -9.99 4.90 13.39
N GLY A 38 -9.87 6.06 12.76
CA GLY A 38 -8.57 6.58 12.34
C GLY A 38 -8.28 6.36 10.87
N THR A 39 -9.01 5.46 10.23
CA THR A 39 -8.73 5.21 8.81
C THR A 39 -8.95 6.42 7.89
N ASP A 40 -9.89 7.31 8.25
CA ASP A 40 -10.12 8.51 7.46
C ASP A 40 -8.91 9.46 7.52
N VAL A 41 -8.23 9.48 8.67
CA VAL A 41 -7.00 10.24 8.80
C VAL A 41 -5.97 9.69 7.79
N ASP A 42 -5.83 8.37 7.73
CA ASP A 42 -4.95 7.72 6.76
C ASP A 42 -5.37 8.08 5.35
N ALA A 43 -6.67 7.96 5.05
CA ALA A 43 -7.15 8.20 3.72
C ALA A 43 -6.88 9.63 3.25
N ALA A 44 -7.08 10.61 4.12
CA ALA A 44 -6.83 12.02 3.77
C ALA A 44 -5.34 12.30 3.54
N ASN A 45 -4.51 11.75 4.43
CA ASN A 45 -3.05 11.86 4.37
C ASN A 45 -2.54 11.31 3.05
N LEU A 46 -3.04 10.14 2.67
CA LEU A 46 -2.65 9.53 1.39
C LEU A 46 -3.08 10.35 0.20
N ARG A 47 -4.34 10.82 0.21
CA ARG A 47 -4.83 11.61 -0.92
C ARG A 47 -3.97 12.85 -1.13
N GLU A 48 -3.61 13.53 -0.04
CA GLU A 48 -2.76 14.73 -0.11
C GLU A 48 -1.34 14.39 -0.56
N THR A 49 -0.77 13.35 0.03
CA THR A 49 0.60 12.95 -0.26
C THR A 49 0.73 12.55 -1.74
N PHE A 50 -0.20 11.75 -2.25
CA PHE A 50 -0.10 11.34 -3.65
C PHE A 50 -0.50 12.45 -4.63
N ARG A 51 -1.41 13.34 -4.21
CA ARG A 51 -1.71 14.54 -4.98
C ARG A 51 -0.44 15.34 -5.26
N ASN A 52 0.41 15.48 -4.24
CA ASN A 52 1.61 16.29 -4.40
C ASN A 52 2.69 15.60 -5.24
N LEU A 53 2.57 14.29 -5.42
CA LEU A 53 3.41 13.50 -6.36
C LEU A 53 2.80 13.41 -7.76
N LYS A 54 1.67 14.10 -7.96
CA LYS A 54 1.00 14.23 -9.26
C LYS A 54 0.29 12.94 -9.72
N TYR A 55 -0.18 12.14 -8.76
CA TYR A 55 -1.02 10.99 -9.06
C TYR A 55 -2.47 11.42 -9.13
N GLU A 56 -3.21 10.79 -10.04
CA GLU A 56 -4.65 10.95 -10.11
C GLU A 56 -5.29 10.08 -9.02
N VAL A 57 -5.61 10.69 -7.87
CA VAL A 57 -6.12 9.92 -6.74
C VAL A 57 -7.62 9.70 -6.87
N ARG A 58 -8.03 8.46 -6.62
CA ARG A 58 -9.45 8.11 -6.55
C ARG A 58 -9.70 7.42 -5.22
N ASN A 59 -10.50 8.05 -4.38
CA ASN A 59 -10.88 7.45 -3.09
C ASN A 59 -12.19 6.69 -3.20
N LYS A 60 -12.24 5.52 -2.57
CA LYS A 60 -13.44 4.71 -2.56
C LYS A 60 -13.66 4.29 -1.12
N ASN A 61 -14.88 4.49 -0.61
CA ASN A 61 -15.17 4.20 0.81
C ASN A 61 -16.09 3.01 0.99
N ASP A 62 -15.78 2.16 1.98
CA ASP A 62 -16.68 1.08 2.39
C ASP A 62 -17.18 0.21 1.24
N LEU A 63 -16.26 -0.44 0.54
CA LEU A 63 -16.60 -1.34 -0.55
C LEU A 63 -16.77 -2.79 -0.11
N THR A 64 -17.83 -3.43 -0.64
CA THR A 64 -18.02 -4.87 -0.45
C THR A 64 -16.96 -5.63 -1.20
N ARG A 65 -16.81 -6.91 -0.88
CA ARG A 65 -15.88 -7.78 -1.61
C ARG A 65 -16.16 -7.77 -3.13
N GLU A 66 -17.44 -7.76 -3.50
CA GLU A 66 -17.82 -7.73 -4.91
C GLU A 66 -17.41 -6.41 -5.56
N GLU A 67 -17.59 -5.31 -4.84
CA GLU A 67 -17.27 -3.99 -5.37
C GLU A 67 -15.77 -3.81 -5.51
N ILE A 68 -14.99 -4.38 -4.58
CA ILE A 68 -13.52 -4.34 -4.71
C ILE A 68 -13.08 -5.04 -5.99
N VAL A 69 -13.56 -6.26 -6.21
CA VAL A 69 -13.17 -7.03 -7.40
C VAL A 69 -13.58 -6.31 -8.69
N GLU A 70 -14.80 -5.77 -8.69
CA GLU A 70 -15.33 -5.05 -9.85
C GLU A 70 -14.51 -3.78 -10.15
N LEU A 71 -14.13 -3.05 -9.09
CA LEU A 71 -13.36 -1.82 -9.22
C LEU A 71 -12.01 -2.10 -9.84
N MET A 72 -11.31 -3.10 -9.31
CA MET A 72 -9.99 -3.47 -9.78
C MET A 72 -10.04 -3.99 -11.20
N ARG A 73 -11.04 -4.82 -11.49
CA ARG A 73 -11.23 -5.31 -12.86
C ARG A 73 -11.39 -4.12 -13.82
N ASP A 74 -12.29 -3.19 -13.49
CA ASP A 74 -12.53 -2.01 -14.33
C ASP A 74 -11.29 -1.12 -14.50
N VAL A 75 -10.56 -0.92 -13.41
CA VAL A 75 -9.36 -0.08 -13.45
C VAL A 75 -8.30 -0.72 -14.36
N SER A 76 -8.16 -2.04 -14.26
CA SER A 76 -7.18 -2.77 -15.09
C SER A 76 -7.54 -2.76 -16.57
N LYS A 77 -8.79 -2.44 -16.89
CA LYS A 77 -9.28 -2.38 -18.27
C LYS A 77 -9.16 -0.98 -18.92
N GLU A 78 -8.79 0.03 -18.11
CA GLU A 78 -8.52 1.35 -18.65
C GLU A 78 -7.25 1.31 -19.49
N ASP A 79 -7.11 2.31 -20.35
CA ASP A 79 -5.89 2.49 -21.12
C ASP A 79 -4.90 3.31 -20.30
N HIS A 80 -3.86 2.64 -19.80
CA HIS A 80 -2.84 3.32 -19.01
C HIS A 80 -1.62 3.72 -19.85
N SER A 81 -1.77 3.72 -21.18
CA SER A 81 -0.64 3.99 -22.10
C SER A 81 0.16 5.24 -21.78
N LYS A 82 -0.55 6.31 -21.43
CA LYS A 82 0.06 7.60 -21.11
C LYS A 82 0.43 7.77 -19.62
N ARG A 83 0.35 6.68 -18.87
CA ARG A 83 0.62 6.73 -17.42
C ARG A 83 1.93 6.00 -17.09
N SER A 84 2.69 6.55 -16.14
CA SER A 84 4.01 5.99 -15.78
C SER A 84 3.95 4.76 -14.88
N SER A 85 2.91 4.71 -14.05
CA SER A 85 2.85 3.72 -12.98
C SER A 85 1.41 3.56 -12.52
N PHE A 86 1.20 2.62 -11.60
CA PHE A 86 -0.12 2.41 -11.00
C PHE A 86 0.05 2.22 -9.49
N VAL A 87 -0.79 2.87 -8.70
CA VAL A 87 -0.75 2.71 -7.24
C VAL A 87 -2.12 2.33 -6.71
N CYS A 88 -2.14 1.32 -5.83
CA CYS A 88 -3.37 0.98 -5.14
C CYS A 88 -3.08 0.88 -3.65
N VAL A 89 -3.85 1.60 -2.84
CA VAL A 89 -3.72 1.54 -1.39
C VAL A 89 -4.94 0.87 -0.78
N LEU A 90 -4.71 -0.13 0.06
CA LEU A 90 -5.79 -0.88 0.70
C LEU A 90 -5.74 -0.66 2.19
N LEU A 91 -6.84 -0.14 2.74
CA LEU A 91 -6.96 0.14 4.17
C LEU A 91 -8.16 -0.65 4.67
N SER A 92 -7.89 -1.72 5.42
CA SER A 92 -8.97 -2.57 5.91
C SER A 92 -8.50 -3.53 6.97
N HIS A 93 -9.42 -4.35 7.46
CA HIS A 93 -9.03 -5.54 8.20
C HIS A 93 -8.41 -6.50 7.18
N GLY A 94 -7.59 -7.42 7.67
CA GLY A 94 -6.96 -8.43 6.83
C GLY A 94 -6.37 -9.59 7.59
N GLU A 95 -5.93 -10.59 6.84
CA GLU A 95 -5.17 -11.73 7.37
C GLU A 95 -4.12 -12.04 6.31
N GLU A 96 -3.30 -13.07 6.51
CA GLU A 96 -2.26 -13.33 5.52
C GLU A 96 -2.90 -13.59 4.18
N GLY A 97 -2.52 -12.77 3.20
CA GLY A 97 -2.96 -12.92 1.82
C GLY A 97 -4.36 -12.41 1.51
N ILE A 98 -5.02 -11.81 2.51
CA ILE A 98 -6.43 -11.46 2.44
C ILE A 98 -6.65 -10.01 2.88
N ILE A 99 -7.54 -9.31 2.17
CA ILE A 99 -8.05 -8.00 2.57
C ILE A 99 -9.58 -8.08 2.68
N PHE A 100 -10.16 -7.40 3.68
CA PHE A 100 -11.60 -7.50 3.84
C PHE A 100 -12.41 -6.43 3.13
N GLY A 101 -13.38 -6.86 2.32
CA GLY A 101 -14.44 -5.96 1.91
C GLY A 101 -15.37 -5.78 3.10
N THR A 102 -16.34 -4.90 2.99
CA THR A 102 -17.25 -4.64 4.13
C THR A 102 -18.08 -5.87 4.48
N ASN A 103 -18.17 -6.80 3.54
CA ASN A 103 -19.05 -7.95 3.72
C ASN A 103 -18.37 -9.31 3.69
N GLY A 104 -17.05 -9.31 3.55
CA GLY A 104 -16.28 -10.55 3.55
C GLY A 104 -14.93 -10.36 2.90
N PRO A 105 -14.13 -11.44 2.85
CA PRO A 105 -12.73 -11.38 2.40
C PRO A 105 -12.55 -11.34 0.89
N VAL A 106 -11.41 -10.78 0.47
CA VAL A 106 -10.95 -10.86 -0.91
C VAL A 106 -9.51 -11.33 -0.85
N ASP A 107 -9.18 -12.34 -1.64
CA ASP A 107 -7.79 -12.75 -1.79
C ASP A 107 -7.04 -11.64 -2.49
N LEU A 108 -5.90 -11.23 -1.91
CA LEU A 108 -5.06 -10.22 -2.54
C LEU A 108 -4.61 -10.64 -3.93
N LYS A 109 -4.40 -11.94 -4.12
CA LYS A 109 -3.98 -12.47 -5.42
C LYS A 109 -5.03 -12.18 -6.49
N LYS A 110 -6.31 -12.21 -6.11
CA LYS A 110 -7.39 -11.92 -7.05
C LYS A 110 -7.34 -10.46 -7.56
N ILE A 111 -7.08 -9.54 -6.64
CA ILE A 111 -6.89 -8.12 -6.96
C ILE A 111 -5.68 -7.87 -7.86
N THR A 112 -4.52 -8.43 -7.48
CA THR A 112 -3.27 -8.11 -8.19
C THR A 112 -3.15 -8.84 -9.52
N ASN A 113 -3.80 -9.99 -9.64
CA ASN A 113 -3.79 -10.72 -10.91
C ASN A 113 -4.32 -9.91 -12.10
N PHE A 114 -5.25 -8.99 -11.85
CA PHE A 114 -5.79 -8.13 -12.94
C PHE A 114 -4.70 -7.29 -13.61
N PHE A 115 -3.62 -7.07 -12.87
CA PHE A 115 -2.56 -6.17 -13.32
C PHE A 115 -1.31 -6.92 -13.77
N ARG A 116 -1.39 -8.24 -13.86
CA ARG A 116 -0.31 -9.05 -14.43
C ARG A 116 0.15 -8.50 -15.78
N GLY A 117 1.43 -8.70 -16.12
CA GLY A 117 1.97 -8.21 -17.37
C GLY A 117 1.24 -8.70 -18.60
N ASP A 118 0.67 -9.90 -18.52
CA ASP A 118 -0.12 -10.42 -19.64
C ASP A 118 -1.58 -9.98 -19.64
N ARG A 119 -2.07 -9.45 -18.51
CA ARG A 119 -3.49 -9.09 -18.40
C ARG A 119 -3.80 -7.59 -18.42
N CYS A 120 -2.80 -6.77 -18.09
CA CYS A 120 -2.96 -5.32 -18.27
C CYS A 120 -1.84 -4.82 -19.15
N ARG A 121 -2.02 -4.89 -20.47
CA ARG A 121 -0.92 -4.64 -21.39
C ARG A 121 -0.39 -3.22 -21.37
N SER A 122 -1.24 -2.26 -21.01
CA SER A 122 -0.79 -0.87 -20.97
C SER A 122 -0.01 -0.55 -19.70
N LEU A 123 0.09 -1.52 -18.80
CA LEU A 123 0.98 -1.36 -17.64
C LEU A 123 2.19 -2.30 -17.69
N THR A 124 2.29 -3.10 -18.75
CA THR A 124 3.45 -3.98 -18.88
C THR A 124 4.74 -3.16 -18.87
N GLY A 125 5.71 -3.61 -18.07
CA GLY A 125 6.96 -2.90 -17.88
C GLY A 125 6.94 -1.66 -16.98
N LYS A 126 5.79 -1.34 -16.41
CA LYS A 126 5.64 -0.17 -15.55
C LYS A 126 5.44 -0.64 -14.10
N PRO A 127 5.93 0.11 -13.11
CA PRO A 127 5.78 -0.31 -11.71
C PRO A 127 4.34 -0.25 -11.22
N LYS A 128 3.94 -1.34 -10.59
CA LYS A 128 2.61 -1.49 -10.05
C LYS A 128 2.80 -1.66 -8.54
N LEU A 129 2.32 -0.68 -7.77
CA LEU A 129 2.63 -0.59 -6.34
C LEU A 129 1.38 -0.87 -5.54
N PHE A 130 1.43 -1.85 -4.64
CA PHE A 130 0.28 -2.14 -3.76
C PHE A 130 0.67 -1.89 -2.31
N ILE A 131 -0.02 -0.93 -1.67
CA ILE A 131 0.34 -0.45 -0.35
C ILE A 131 -0.76 -0.94 0.57
N ILE A 132 -0.39 -1.74 1.56
CA ILE A 132 -1.41 -2.47 2.32
C ILE A 132 -1.34 -2.28 3.84
N GLN A 133 -2.33 -1.55 4.35
CA GLN A 133 -2.53 -1.37 5.79
C GLN A 133 -3.66 -2.30 6.22
N ALA A 134 -3.24 -3.42 6.80
CA ALA A 134 -4.09 -4.52 7.26
C ALA A 134 -3.24 -5.49 8.06
N CYS A 135 -3.88 -6.25 8.95
CA CYS A 135 -3.14 -7.34 9.60
C CYS A 135 -2.78 -8.44 8.60
N ARG A 136 -1.72 -9.17 8.93
CA ARG A 136 -1.33 -10.34 8.15
C ARG A 136 -1.39 -11.60 9.01
N GLY A 137 -2.20 -11.54 10.06
CA GLY A 137 -2.22 -12.53 11.11
C GLY A 137 -2.40 -11.87 12.46
N THR A 138 -2.18 -12.65 13.52
CA THR A 138 -2.47 -12.22 14.87
C THR A 138 -1.26 -12.12 15.79
N GLU A 139 -0.07 -12.47 15.29
CA GLU A 139 1.13 -12.46 16.13
C GLU A 139 1.47 -11.03 16.55
N LEU A 140 1.99 -10.90 17.77
CA LEU A 140 2.36 -9.60 18.33
C LEU A 140 3.86 -9.61 18.55
N ASP A 141 4.51 -8.51 18.21
CA ASP A 141 5.97 -8.42 18.32
C ASP A 141 6.30 -7.73 19.66
N CYS A 142 6.93 -8.48 20.57
CA CYS A 142 7.23 -8.00 21.93
C CYS A 142 8.39 -7.00 21.97
N GLY A 143 9.15 -6.98 20.89
CA GLY A 143 10.30 -6.11 20.80
C GLY A 143 11.45 -6.51 21.70
N ILE A 144 12.57 -5.82 21.54
CA ILE A 144 13.72 -6.00 22.43
C ILE A 144 14.32 -4.64 22.78
N GLU A 145 14.62 -4.45 24.06
CA GLU A 145 15.33 -3.26 24.50
C GLU A 145 16.75 -3.26 23.92
N THR A 146 17.22 -2.09 23.49
CA THR A 146 18.56 -1.97 22.94
C THR A 146 19.54 -1.39 23.97
N LYS B 1 10.63 -11.86 -23.63
CA LYS B 1 9.52 -12.02 -22.65
C LYS B 1 9.96 -11.54 -21.28
N ILE B 2 9.01 -11.02 -20.48
CA ILE B 2 9.25 -10.78 -19.05
C ILE B 2 8.27 -11.62 -18.22
N PRO B 3 8.59 -11.90 -16.96
CA PRO B 3 7.64 -12.59 -16.09
C PRO B 3 6.37 -11.77 -15.90
N VAL B 4 5.23 -12.44 -15.83
CA VAL B 4 3.94 -11.75 -15.64
C VAL B 4 3.86 -11.15 -14.24
N ASP B 5 4.69 -11.64 -13.33
CA ASP B 5 4.74 -11.12 -11.98
C ASP B 5 5.82 -10.04 -11.79
N ALA B 6 6.61 -9.77 -12.83
CA ALA B 6 7.60 -8.69 -12.77
C ALA B 6 6.93 -7.32 -12.60
N ASP B 7 7.64 -6.41 -11.94
CA ASP B 7 7.29 -4.99 -11.79
C ASP B 7 6.15 -4.74 -10.83
N PHE B 8 6.00 -5.64 -9.86
CA PHE B 8 5.10 -5.38 -8.73
C PHE B 8 5.91 -5.05 -7.48
N LEU B 9 5.38 -4.14 -6.66
CA LEU B 9 5.95 -3.92 -5.35
C LEU B 9 4.79 -3.94 -4.37
N TYR B 10 4.97 -4.65 -3.25
CA TYR B 10 4.01 -4.63 -2.15
C TYR B 10 4.67 -3.94 -0.98
N ALA B 11 4.06 -2.86 -0.51
CA ALA B 11 4.56 -2.23 0.70
C ALA B 11 3.58 -2.63 1.81
N TYR B 12 3.91 -3.69 2.54
CA TYR B 12 3.04 -4.16 3.63
C TYR B 12 3.33 -3.40 4.91
N SER B 13 2.27 -3.14 5.68
CA SER B 13 2.39 -2.42 6.94
C SER B 13 3.14 -3.23 8.00
N THR B 14 3.21 -4.55 7.82
CA THR B 14 3.69 -5.42 8.88
C THR B 14 4.30 -6.71 8.33
N ALA B 15 5.09 -7.38 9.18
CA ALA B 15 5.69 -8.68 8.85
C ALA B 15 4.64 -9.77 8.56
N PRO B 16 4.98 -10.78 7.77
CA PRO B 16 4.06 -11.90 7.54
C PRO B 16 3.63 -12.56 8.87
N GLY B 17 2.33 -12.80 9.03
CA GLY B 17 1.82 -13.40 10.24
C GLY B 17 1.43 -12.44 11.35
N TYR B 18 1.76 -11.15 11.18
CA TYR B 18 1.67 -10.19 12.28
C TYR B 18 0.50 -9.20 12.25
N TYR B 19 0.16 -8.75 13.45
CA TYR B 19 -0.83 -7.71 13.73
C TYR B 19 -0.32 -6.40 13.15
N SER B 20 -1.23 -5.47 12.88
CA SER B 20 -0.88 -4.15 12.39
C SER B 20 -1.63 -3.11 13.20
N TRP B 21 -0.89 -2.13 13.72
CA TRP B 21 -1.44 -1.16 14.66
C TRP B 21 -2.02 0.10 14.02
N ARG B 22 -3.15 0.55 14.57
CA ARG B 22 -3.84 1.75 14.13
C ARG B 22 -4.37 2.49 15.33
N ASN B 23 -4.16 3.80 15.29
CA ASN B 23 -4.56 4.70 16.37
C ASN B 23 -5.81 5.46 15.92
N SER B 24 -6.77 5.57 16.84
CA SER B 24 -8.05 6.22 16.57
C SER B 24 -7.92 7.65 16.05
N LYS B 25 -6.93 8.41 16.54
CA LYS B 25 -6.80 9.80 16.14
C LYS B 25 -5.67 10.16 15.16
N ASP B 26 -4.61 9.33 15.12
CA ASP B 26 -3.46 9.61 14.25
C ASP B 26 -3.50 8.77 12.96
N GLY B 27 -4.32 7.72 12.97
CA GLY B 27 -4.30 6.73 11.91
C GLY B 27 -3.34 5.59 12.21
N SER B 28 -3.00 4.83 11.18
CA SER B 28 -2.13 3.66 11.36
C SER B 28 -0.69 4.11 11.44
N TRP B 29 0.11 3.37 12.21
CA TRP B 29 1.54 3.67 12.36
C TRP B 29 2.21 3.72 10.98
N PHE B 30 1.90 2.71 10.17
CA PHE B 30 2.51 2.57 8.86
C PHE B 30 2.13 3.69 7.89
N ILE B 31 0.83 3.98 7.74
CA ILE B 31 0.45 5.01 6.79
C ILE B 31 0.92 6.39 7.23
N GLN B 32 0.82 6.70 8.53
CA GLN B 32 1.37 8.00 8.96
C GLN B 32 2.86 8.11 8.64
N SER B 33 3.62 7.04 8.86
CA SER B 33 5.05 7.06 8.59
C SER B 33 5.35 7.12 7.08
N LEU B 34 4.62 6.35 6.30
CA LEU B 34 4.77 6.36 4.84
C LEU B 34 4.55 7.74 4.26
N CYS B 35 3.46 8.40 4.67
CA CYS B 35 3.16 9.73 4.13
C CYS B 35 4.23 10.73 4.55
N ALA B 36 4.66 10.66 5.80
CA ALA B 36 5.73 11.54 6.28
C ALA B 36 7.01 11.37 5.45
N MET B 37 7.39 10.12 5.17
CA MET B 37 8.65 9.90 4.45
C MET B 37 8.53 10.26 2.97
N LEU B 38 7.38 9.99 2.37
CA LEU B 38 7.13 10.49 1.02
C LEU B 38 7.17 12.02 0.94
N LYS B 39 6.50 12.69 1.87
CA LYS B 39 6.55 14.15 1.92
C LYS B 39 7.99 14.67 1.99
N GLN B 40 8.81 14.02 2.80
CA GLN B 40 10.14 14.52 3.08
C GLN B 40 11.14 14.13 2.00
N TYR B 41 10.95 12.96 1.40
CA TYR B 41 12.00 12.37 0.55
C TYR B 41 11.65 11.99 -0.89
N ALA B 42 10.39 12.14 -1.31
CA ALA B 42 10.04 11.70 -2.66
C ALA B 42 10.77 12.47 -3.77
N ASP B 43 11.22 13.70 -3.47
CA ASP B 43 12.00 14.43 -4.47
C ASP B 43 13.50 14.26 -4.29
N LYS B 44 13.90 13.27 -3.49
CA LYS B 44 15.30 13.13 -3.07
C LYS B 44 15.87 11.71 -3.16
N LEU B 45 15.04 10.72 -2.90
CA LEU B 45 15.51 9.35 -2.69
C LEU B 45 14.76 8.35 -3.56
N GLU B 46 15.45 7.26 -3.90
CA GLU B 46 14.84 6.16 -4.61
C GLU B 46 13.83 5.49 -3.70
N PHE B 47 12.77 4.93 -4.29
CA PHE B 47 11.62 4.43 -3.52
C PHE B 47 11.98 3.37 -2.47
N MET B 48 12.86 2.42 -2.79
CA MET B 48 13.22 1.42 -1.77
C MET B 48 13.90 2.10 -0.57
N HIS B 49 14.64 3.18 -0.83
CA HIS B 49 15.28 3.89 0.25
C HIS B 49 14.29 4.71 1.08
N ILE B 50 13.26 5.25 0.44
CA ILE B 50 12.16 5.87 1.20
C ILE B 50 11.49 4.83 2.08
N LEU B 51 11.17 3.68 1.48
CA LEU B 51 10.47 2.64 2.26
C LEU B 51 11.33 2.10 3.43
N THR B 52 12.64 2.14 3.28
CA THR B 52 13.54 1.71 4.35
C THR B 52 13.47 2.71 5.50
N ARG B 53 13.35 4.01 5.18
CA ARG B 53 13.19 5.03 6.22
C ARG B 53 11.85 4.81 6.94
N VAL B 54 10.80 4.44 6.18
CA VAL B 54 9.50 4.10 6.77
C VAL B 54 9.65 2.92 7.76
N ASN B 55 10.39 1.89 7.36
CA ASN B 55 10.67 0.75 8.26
C ASN B 55 11.28 1.23 9.58
N ARG B 56 12.28 2.10 9.47
CA ARG B 56 12.97 2.56 10.67
C ARG B 56 12.06 3.41 11.54
N LYS B 57 11.26 4.26 10.90
CA LYS B 57 10.37 5.17 11.64
C LYS B 57 9.34 4.37 12.44
N VAL B 58 8.70 3.40 11.79
CA VAL B 58 7.71 2.56 12.47
C VAL B 58 8.38 1.74 13.57
N ALA B 59 9.56 1.19 13.28
CA ALA B 59 10.24 0.31 14.21
C ALA B 59 10.71 1.03 15.46
N THR B 60 11.10 2.29 15.31
CA THR B 60 11.69 3.02 16.43
C THR B 60 10.74 3.93 17.21
N GLU B 61 9.83 4.60 16.51
CA GLU B 61 9.03 5.66 17.14
C GLU B 61 7.69 5.23 17.72
N PHE B 62 7.25 4.01 17.43
CA PHE B 62 5.94 3.53 17.89
C PHE B 62 6.05 2.33 18.82
N GLU B 63 5.26 2.37 19.89
CA GLU B 63 5.10 1.22 20.79
C GLU B 63 3.68 1.27 21.36
N SER B 64 3.00 0.13 21.44
CA SER B 64 1.62 0.14 21.95
C SER B 64 1.56 0.31 23.46
N PHE B 65 0.47 0.90 23.91
CA PHE B 65 0.15 0.99 25.33
C PHE B 65 -1.26 0.44 25.46
N SER B 66 -1.43 -0.55 26.33
CA SER B 66 -2.74 -1.18 26.50
C SER B 66 -2.96 -1.59 27.93
N PHE B 67 -4.21 -1.48 28.38
CA PHE B 67 -4.60 -2.01 29.69
C PHE B 67 -4.57 -3.54 29.71
N ASP B 68 -4.67 -4.14 28.52
CA ASP B 68 -4.60 -5.59 28.40
C ASP B 68 -3.15 -5.95 28.15
N ALA B 69 -2.56 -6.66 29.12
CA ALA B 69 -1.15 -7.06 29.05
C ALA B 69 -0.79 -7.77 27.73
N THR B 70 -1.76 -8.51 27.19
CA THR B 70 -1.56 -9.22 25.92
C THR B 70 -1.14 -8.30 24.77
N PHE B 71 -1.68 -7.09 24.77
CA PHE B 71 -1.51 -6.18 23.65
C PHE B 71 -0.61 -4.97 24.00
N HIS B 72 0.01 -5.04 25.18
CA HIS B 72 0.77 -3.92 25.67
C HIS B 72 2.26 -4.00 25.30
N ALA B 73 2.83 -2.82 25.01
CA ALA B 73 4.27 -2.66 24.82
C ALA B 73 4.75 -3.39 23.56
N LYS B 74 3.90 -3.40 22.54
CA LYS B 74 4.21 -4.13 21.31
C LYS B 74 4.80 -3.22 20.22
N LYS B 75 5.47 -3.87 19.28
CA LYS B 75 6.24 -3.17 18.27
C LYS B 75 5.83 -3.68 16.90
N GLN B 76 6.26 -2.99 15.84
CA GLN B 76 5.86 -3.35 14.48
C GLN B 76 6.99 -3.08 13.51
N ILE B 77 7.24 -4.02 12.60
CA ILE B 77 8.14 -3.75 11.48
C ILE B 77 7.36 -3.93 10.17
N PRO B 78 7.32 -2.91 9.30
CA PRO B 78 6.71 -3.08 7.97
C PRO B 78 7.59 -3.98 7.11
N CYS B 79 7.09 -4.35 5.93
CA CYS B 79 7.73 -5.40 5.16
C CYS B 79 7.62 -5.06 3.68
N ILE B 80 8.76 -4.71 3.09
CA ILE B 80 8.83 -4.32 1.68
C ILE B 80 9.00 -5.58 0.82
N VAL B 81 8.11 -5.78 -0.14
CA VAL B 81 8.23 -6.94 -1.01
C VAL B 81 8.39 -6.47 -2.45
N SER B 82 9.63 -6.52 -2.93
CA SER B 82 9.89 -6.00 -4.28
C SER B 82 10.15 -7.07 -5.33
N MET B 83 9.29 -7.05 -6.34
CA MET B 83 9.54 -7.76 -7.61
C MET B 83 9.74 -6.73 -8.73
N LEU B 84 10.24 -5.56 -8.34
CA LEU B 84 10.56 -4.52 -9.31
C LEU B 84 11.83 -4.89 -10.07
N THR B 85 11.98 -4.35 -11.28
CA THR B 85 13.18 -4.64 -12.07
C THR B 85 14.06 -3.41 -12.31
N LYS B 86 13.63 -2.26 -11.80
CA LYS B 86 14.38 -1.00 -11.96
C LYS B 86 14.21 -0.16 -10.70
N GLU B 87 15.09 0.80 -10.53
CA GLU B 87 14.94 1.83 -9.49
C GLU B 87 13.75 2.71 -9.85
N LEU B 88 13.07 3.26 -8.84
CA LEU B 88 11.89 4.09 -9.05
C LEU B 88 12.08 5.41 -8.33
N TYR B 89 12.08 6.49 -9.10
CA TYR B 89 12.11 7.86 -8.56
C TYR B 89 10.81 8.52 -8.97
N PHE B 90 10.17 9.21 -8.02
CA PHE B 90 8.90 9.88 -8.33
C PHE B 90 9.10 11.14 -9.18
N TYR B 91 10.32 11.64 -9.16
CA TYR B 91 10.70 12.82 -9.94
C TYR B 91 11.49 12.40 -11.16
N HIS B 92 11.68 13.34 -12.09
CA HIS B 92 12.56 13.11 -13.22
C HIS B 92 13.32 14.40 -13.56
O13 158 C . -7.59 -3.95 14.08
C5 158 C . -6.37 -3.87 13.96
C6 158 C . -5.50 -3.46 15.11
S7 158 C . -5.67 -1.69 15.37
N4 158 C . -5.74 -4.11 12.82
C3 158 C . -6.45 -4.40 11.59
C2 158 C . -6.43 -5.89 11.33
O8 158 C . -6.70 -6.33 10.22
C1 158 C . -6.09 -6.84 12.44
C9 158 C . -5.82 -3.56 10.48
C10 158 C . -6.33 -2.12 10.52
O11 158 C . -7.46 -1.87 11.02
O12 158 C . -5.63 -1.20 10.03
O5 159 D . -1.90 3.40 18.15
C12 159 D . -1.63 2.96 19.26
O4 159 D . -0.49 3.12 19.71
C8 159 D . -2.70 2.24 20.05
C9 159 D . -2.41 1.62 21.25
C10 159 D . -3.38 0.94 21.96
C11 159 D . -4.68 0.89 21.48
O3 159 D . -1.17 1.69 21.70
C7 159 D . -4.00 2.17 19.56
C6 159 D . -5.00 1.50 20.27
S2 159 D . -6.49 1.44 19.68
O1 159 D . -6.91 2.89 19.22
O2 159 D . -7.49 0.87 20.77
N1 159 D . -6.53 0.44 18.42
C5 159 D . -6.27 -0.98 18.67
C4 159 D . -7.41 -1.88 18.21
S1 159 D . -7.97 -1.39 16.54
#